data_7E06
#
_entry.id   7E06
#
_cell.length_a   106.763
_cell.length_b   106.763
_cell.length_c   144.010
_cell.angle_alpha   90.000
_cell.angle_beta   90.000
_cell.angle_gamma   90.000
#
_symmetry.space_group_name_H-M   'P 41 21 2'
#
loop_
_entity.id
_entity.type
_entity.pdbx_description
1 polymer 'Phytanoyl-CoA dioxygenase'
2 non-polymer '2-OXOGLUTARIC ACID'
3 non-polymer 'FE (III) ION'
4 water water
#
_entity_poly.entity_id   1
_entity_poly.type   'polypeptide(L)'
_entity_poly.pdbx_seq_one_letter_code
;QIMEPHDTLSPAQVDEYRKNGFLVQEHVFDEEEIELLRAEAAQEFASGGERVTVEQNTGIVRGVHGCHLYSEVFGRLVRS
PRLLPIARQLLRDDVYVHQFKINAKRAFKGEVWEWHQDYTFWHHEDGMPAPRALSAAIFLDEVTEFNGPLTFVPGGHGSG
MIDADVKGEGWANTLTASLKYSLDVETMRGLIERNGMVAPKGPRGSVLWFDANIPHSSVPNISPFDRGLVLITYNSVENK
TDVTRGTRPEWLAARDFTPLTALQATSF
;
_entity_poly.pdbx_strand_id   A,B
#
loop_
_chem_comp.id
_chem_comp.type
_chem_comp.name
_chem_comp.formula
AKG non-polymer '2-OXOGLUTARIC ACID' 'C5 H6 O5'
FE non-polymer 'FE (III) ION' 'Fe 3'
#
# COMPACT_ATOMS: atom_id res chain seq x y z
N GLN A 1 1.81 -20.59 -4.84
CA GLN A 1 0.52 -20.02 -5.40
C GLN A 1 0.69 -18.48 -5.39
N ILE A 2 -0.10 -17.76 -6.17
CA ILE A 2 0.31 -16.43 -6.54
C ILE A 2 -1.02 -15.64 -6.68
N MET A 3 -1.07 -14.48 -6.03
CA MET A 3 -2.05 -13.44 -6.33
C MET A 3 -1.48 -12.56 -7.43
N GLU A 4 -2.33 -12.09 -8.33
CA GLU A 4 -1.87 -11.15 -9.33
C GLU A 4 -1.29 -9.91 -8.58
N PRO A 5 -0.20 -9.36 -9.06
CA PRO A 5 0.34 -8.15 -8.35
C PRO A 5 -0.69 -7.06 -8.26
N HIS A 6 -0.68 -6.27 -7.17
CA HIS A 6 -1.66 -5.25 -6.94
C HIS A 6 -1.75 -4.28 -8.06
N ASP A 7 -2.96 -4.09 -8.55
CA ASP A 7 -3.29 -3.11 -9.58
C ASP A 7 -3.82 -1.92 -8.84
N THR A 8 -3.37 -0.77 -9.25
CA THR A 8 -3.94 0.46 -8.70
C THR A 8 -4.58 1.25 -9.85
N LEU A 9 -5.28 2.31 -9.52
CA LEU A 9 -5.81 3.21 -10.54
C LEU A 9 -4.74 4.05 -11.27
N SER A 10 -4.97 4.31 -12.55
CA SER A 10 -4.12 5.28 -13.29
C SER A 10 -4.38 6.66 -12.86
N PRO A 11 -3.46 7.61 -13.16
CA PRO A 11 -3.68 8.98 -12.79
C PRO A 11 -4.94 9.56 -13.37
N ALA A 12 -5.27 9.10 -14.56
CA ALA A 12 -6.53 9.61 -15.22
C ALA A 12 -7.74 9.10 -14.42
N GLN A 13 -7.68 7.82 -14.00
CA GLN A 13 -8.71 7.32 -13.14
C GLN A 13 -8.83 8.03 -11.83
N VAL A 14 -7.72 8.22 -11.11
CA VAL A 14 -7.77 8.87 -9.89
C VAL A 14 -8.40 10.29 -10.10
N ASP A 15 -7.90 11.00 -11.08
CA ASP A 15 -8.45 12.37 -11.44
C ASP A 15 -9.97 12.41 -11.65
N GLU A 16 -10.45 11.47 -12.44
CA GLU A 16 -11.84 11.28 -12.71
C GLU A 16 -12.56 10.96 -11.44
N TYR A 17 -12.04 10.06 -10.61
CA TYR A 17 -12.62 9.90 -9.26
C TYR A 17 -12.70 11.16 -8.46
N ARG A 18 -11.62 11.91 -8.38
CA ARG A 18 -11.65 13.04 -7.51
C ARG A 18 -12.60 14.17 -8.03
N LYS A 19 -12.61 14.32 -9.32
CA LYS A 19 -13.46 15.35 -10.00
C LYS A 19 -14.95 14.98 -9.95
N ASN A 20 -15.32 13.76 -10.38
CA ASN A 20 -16.70 13.31 -10.34
C ASN A 20 -17.18 12.84 -9.05
N GLY A 21 -16.25 12.29 -8.24
CA GLY A 21 -16.67 11.72 -6.96
C GLY A 21 -17.09 10.24 -7.03
N PHE A 22 -17.00 9.64 -8.22
CA PHE A 22 -17.27 8.23 -8.42
C PHE A 22 -16.48 7.73 -9.65
N LEU A 23 -16.28 6.40 -9.73
CA LEU A 23 -15.58 5.75 -10.82
C LEU A 23 -16.03 4.28 -10.90
N VAL A 24 -16.31 3.76 -12.11
CA VAL A 24 -16.63 2.42 -12.35
C VAL A 24 -15.43 1.68 -12.91
N GLN A 25 -15.12 0.51 -12.29
CA GLN A 25 -14.22 -0.46 -12.92
C GLN A 25 -15.04 -1.64 -13.33
N GLU A 26 -15.07 -1.94 -14.64
CA GLU A 26 -15.87 -3.07 -15.07
C GLU A 26 -15.19 -4.41 -14.85
N HIS A 27 -15.95 -5.44 -14.54
CA HIS A 27 -15.51 -6.83 -14.61
C HIS A 27 -14.32 -7.04 -13.67
N VAL A 28 -14.41 -6.53 -12.43
CA VAL A 28 -13.32 -6.82 -11.49
C VAL A 28 -13.39 -8.25 -11.10
N PHE A 29 -14.61 -8.74 -10.77
CA PHE A 29 -14.76 -10.09 -10.30
C PHE A 29 -15.42 -10.91 -11.37
N ASP A 30 -15.10 -12.17 -11.46
CA ASP A 30 -15.75 -13.07 -12.51
C ASP A 30 -17.03 -13.65 -12.04
N GLU A 31 -17.73 -14.40 -12.91
CA GLU A 31 -19.05 -14.94 -12.53
C GLU A 31 -19.05 -15.87 -11.40
N GLU A 32 -18.02 -16.73 -11.33
CA GLU A 32 -17.96 -17.66 -10.25
C GLU A 32 -17.69 -16.95 -8.92
N GLU A 33 -16.82 -15.96 -8.95
CA GLU A 33 -16.63 -15.10 -7.75
C GLU A 33 -17.89 -14.43 -7.30
N ILE A 34 -18.60 -13.82 -8.24
CA ILE A 34 -19.87 -13.20 -7.87
C ILE A 34 -20.85 -14.13 -7.34
N GLU A 35 -20.95 -15.31 -7.95
CA GLU A 35 -21.83 -16.30 -7.37
C GLU A 35 -21.52 -16.76 -5.94
N LEU A 36 -20.25 -16.90 -5.60
CA LEU A 36 -19.88 -17.15 -4.19
C LEU A 36 -20.38 -16.01 -3.28
N LEU A 37 -20.26 -14.78 -3.76
CA LEU A 37 -20.68 -13.69 -2.95
C LEU A 37 -22.16 -13.64 -2.83
N ARG A 38 -22.82 -13.93 -3.96
CA ARG A 38 -24.29 -13.94 -3.89
C ARG A 38 -24.77 -14.99 -2.93
N ALA A 39 -24.25 -16.21 -3.03
CA ALA A 39 -24.60 -17.23 -2.08
C ALA A 39 -24.36 -16.89 -0.65
N GLU A 40 -23.19 -16.29 -0.37
CA GLU A 40 -22.92 -15.84 1.02
C GLU A 40 -23.89 -14.73 1.47
N ALA A 41 -24.20 -13.77 0.60
CA ALA A 41 -25.19 -12.77 0.91
C ALA A 41 -26.55 -13.38 1.32
N ALA A 42 -26.97 -14.39 0.57
CA ALA A 42 -28.24 -15.08 0.86
C ALA A 42 -28.16 -15.68 2.26
N GLN A 43 -27.02 -16.24 2.62
CA GLN A 43 -26.87 -16.82 3.98
C GLN A 43 -26.95 -15.72 5.03
N GLU A 44 -26.32 -14.59 4.73
CA GLU A 44 -26.37 -13.51 5.67
C GLU A 44 -27.83 -12.98 5.80
N PHE A 45 -28.55 -12.80 4.71
CA PHE A 45 -29.97 -12.37 4.84
C PHE A 45 -30.79 -13.36 5.72
N ALA A 46 -30.52 -14.66 5.59
CA ALA A 46 -31.14 -15.75 6.35
C ALA A 46 -30.71 -15.82 7.78
N SER A 47 -29.48 -15.46 8.13
CA SER A 47 -28.99 -15.69 9.49
C SER A 47 -28.61 -14.45 10.24
N GLY A 48 -28.74 -13.26 9.62
CA GLY A 48 -28.24 -12.05 10.20
C GLY A 48 -29.03 -11.52 11.41
N GLY A 49 -30.25 -12.05 11.69
CA GLY A 49 -31.03 -11.61 12.90
C GLY A 49 -31.22 -10.10 12.96
N GLU A 50 -30.71 -9.48 14.01
CA GLU A 50 -30.93 -8.04 14.16
C GLU A 50 -30.18 -7.18 13.12
N ARG A 51 -29.28 -7.77 12.38
CA ARG A 51 -28.48 -7.00 11.39
C ARG A 51 -29.18 -6.91 10.08
N VAL A 52 -30.34 -7.56 9.92
CA VAL A 52 -31.09 -7.47 8.70
C VAL A 52 -32.07 -6.32 8.65
N THR A 53 -32.39 -5.89 7.45
CA THR A 53 -33.41 -4.88 7.18
C THR A 53 -34.43 -5.45 6.16
N VAL A 54 -35.74 -5.23 6.39
CA VAL A 54 -36.82 -5.90 5.57
C VAL A 54 -37.59 -4.95 4.65
N GLU A 55 -38.28 -5.49 3.64
CA GLU A 55 -39.35 -4.78 2.89
C GLU A 55 -40.56 -4.56 3.87
N GLN A 56 -40.80 -3.29 4.27
CA GLN A 56 -41.68 -2.89 5.43
C GLN A 56 -43.07 -3.54 5.49
N GLY A 59 -41.80 -8.14 4.79
CA GLY A 59 -41.18 -9.37 5.31
C GLY A 59 -40.04 -9.99 4.50
N ILE A 60 -39.85 -9.56 3.24
CA ILE A 60 -38.72 -10.00 2.40
C ILE A 60 -37.47 -9.19 2.87
N VAL A 61 -36.50 -9.90 3.47
CA VAL A 61 -35.15 -9.36 3.76
C VAL A 61 -34.56 -8.62 2.56
N ARG A 62 -34.47 -7.30 2.66
CA ARG A 62 -33.90 -6.48 1.57
C ARG A 62 -32.41 -6.00 1.82
N GLY A 63 -31.96 -5.93 3.11
CA GLY A 63 -30.61 -5.40 3.48
C GLY A 63 -29.97 -6.11 4.69
N VAL A 64 -28.65 -6.19 4.73
CA VAL A 64 -27.92 -6.75 5.92
C VAL A 64 -26.66 -5.92 6.12
N HIS A 65 -26.29 -5.72 7.38
CA HIS A 65 -25.12 -4.93 7.81
C HIS A 65 -24.06 -5.71 8.56
N GLY A 66 -22.77 -5.38 8.34
CA GLY A 66 -21.73 -5.90 9.24
C GLY A 66 -21.15 -7.21 8.89
N CYS A 67 -21.46 -7.76 7.69
CA CYS A 67 -21.19 -9.11 7.41
C CYS A 67 -19.73 -9.46 7.48
N HIS A 68 -18.87 -8.50 7.17
CA HIS A 68 -17.42 -8.78 7.24
C HIS A 68 -16.93 -9.18 8.66
N LEU A 69 -17.71 -8.83 9.70
CA LEU A 69 -17.45 -9.20 11.07
C LEU A 69 -17.92 -10.60 11.40
N TYR A 70 -18.79 -11.22 10.59
CA TYR A 70 -19.43 -12.50 10.90
C TYR A 70 -19.23 -13.57 9.84
N SER A 71 -18.73 -13.21 8.67
CA SER A 71 -18.66 -14.13 7.59
C SER A 71 -17.23 -14.15 7.23
N GLU A 72 -16.63 -15.32 7.16
CA GLU A 72 -15.26 -15.36 6.72
C GLU A 72 -15.03 -14.99 5.31
N VAL A 73 -15.95 -15.34 4.44
CA VAL A 73 -15.88 -14.94 3.06
C VAL A 73 -15.86 -13.40 3.00
N PHE A 74 -16.74 -12.74 3.68
CA PHE A 74 -16.80 -11.31 3.55
C PHE A 74 -15.63 -10.64 4.27
N GLY A 75 -15.17 -11.24 5.36
CA GLY A 75 -13.89 -10.81 6.04
C GLY A 75 -12.70 -10.83 5.06
N ARG A 76 -12.65 -11.81 4.17
N ARG A 76 -12.62 -11.91 4.28
CA ARG A 76 -11.62 -11.85 3.16
CA ARG A 76 -11.66 -12.03 3.18
C ARG A 76 -11.84 -10.99 1.97
C ARG A 76 -11.86 -10.95 2.11
N LEU A 77 -13.11 -10.81 1.62
CA LEU A 77 -13.39 -9.86 0.55
C LEU A 77 -12.83 -8.46 0.78
N VAL A 78 -13.01 -7.94 1.96
CA VAL A 78 -12.58 -6.57 2.22
C VAL A 78 -11.05 -6.39 2.15
N ARG A 79 -10.31 -7.51 2.29
CA ARG A 79 -8.86 -7.56 2.14
C ARG A 79 -8.40 -7.97 0.76
N SER A 80 -9.34 -7.98 -0.20
CA SER A 80 -9.01 -8.52 -1.50
C SER A 80 -7.98 -7.66 -2.17
N PRO A 81 -7.08 -8.27 -2.91
CA PRO A 81 -6.11 -7.43 -3.69
C PRO A 81 -6.73 -6.67 -4.80
N ARG A 82 -7.98 -7.03 -5.16
CA ARG A 82 -8.69 -6.18 -6.11
C ARG A 82 -9.28 -4.92 -5.51
N LEU A 83 -9.42 -4.85 -4.19
CA LEU A 83 -10.04 -3.72 -3.53
C LEU A 83 -9.11 -2.92 -2.66
N LEU A 84 -8.43 -3.63 -1.74
CA LEU A 84 -7.66 -2.92 -0.70
C LEU A 84 -6.61 -1.99 -1.26
N PRO A 85 -5.87 -2.39 -2.30
CA PRO A 85 -4.84 -1.43 -2.76
C PRO A 85 -5.39 -0.13 -3.28
N ILE A 86 -6.53 -0.18 -3.93
CA ILE A 86 -7.22 1.06 -4.43
C ILE A 86 -7.79 1.92 -3.33
N ALA A 87 -8.40 1.29 -2.33
CA ALA A 87 -8.79 2.07 -1.18
C ALA A 87 -7.60 2.81 -0.51
N ARG A 88 -6.49 2.09 -0.32
CA ARG A 88 -5.29 2.74 0.18
C ARG A 88 -4.81 3.88 -0.69
N GLN A 89 -4.84 3.66 -1.99
CA GLN A 89 -4.37 4.61 -2.94
C GLN A 89 -5.27 5.90 -2.90
N LEU A 90 -6.54 5.71 -2.88
CA LEU A 90 -7.47 6.87 -3.04
C LEU A 90 -7.60 7.62 -1.68
N LEU A 91 -7.53 6.89 -0.57
CA LEU A 91 -7.51 7.54 0.77
C LEU A 91 -6.15 7.97 1.27
N ARG A 92 -5.10 7.59 0.55
CA ARG A 92 -3.73 7.92 0.83
C ARG A 92 -3.36 7.58 2.25
N ASP A 93 -3.72 6.39 2.69
CA ASP A 93 -3.45 5.95 4.05
C ASP A 93 -3.65 4.48 4.08
N ASP A 94 -3.28 3.88 5.22
CA ASP A 94 -3.82 2.65 5.58
C ASP A 94 -5.35 2.79 5.89
N VAL A 95 -6.09 1.74 5.65
CA VAL A 95 -7.53 1.75 5.73
C VAL A 95 -8.11 0.59 6.55
N TYR A 96 -9.32 0.83 7.02
CA TYR A 96 -10.17 -0.16 7.69
C TYR A 96 -11.64 -0.01 7.17
N VAL A 97 -12.47 -0.98 7.50
CA VAL A 97 -13.88 -0.96 7.12
C VAL A 97 -14.69 -0.25 8.18
N HIS A 98 -15.31 0.87 7.78
CA HIS A 98 -16.19 1.59 8.65
C HIS A 98 -17.54 0.91 8.70
N GLN A 99 -18.07 0.53 7.52
CA GLN A 99 -19.41 -0.04 7.46
C GLN A 99 -19.42 -0.99 6.28
N PHE A 100 -20.22 -2.03 6.40
CA PHE A 100 -20.38 -3.02 5.33
C PHE A 100 -21.91 -3.22 5.22
N LYS A 101 -22.42 -3.08 4.04
CA LYS A 101 -23.83 -3.54 3.86
C LYS A 101 -24.11 -4.18 2.52
N ILE A 102 -25.17 -5.00 2.48
CA ILE A 102 -25.61 -5.63 1.22
C ILE A 102 -27.04 -5.14 1.01
N ASN A 103 -27.26 -4.50 -0.14
CA ASN A 103 -28.60 -3.97 -0.52
C ASN A 103 -29.07 -4.69 -1.76
N ALA A 104 -30.16 -5.39 -1.63
CA ALA A 104 -30.79 -6.12 -2.78
C ALA A 104 -32.04 -5.33 -3.21
N LYS A 105 -32.15 -4.95 -4.47
CA LYS A 105 -33.45 -4.52 -5.02
C LYS A 105 -33.94 -5.57 -5.92
N ARG A 106 -34.96 -6.30 -5.49
CA ARG A 106 -35.40 -7.50 -6.22
C ARG A 106 -36.13 -7.02 -7.51
N ALA A 107 -36.15 -7.88 -8.52
CA ALA A 107 -36.93 -7.65 -9.77
C ALA A 107 -38.29 -7.12 -9.40
N PHE A 108 -38.71 -6.06 -10.09
CA PHE A 108 -40.04 -5.46 -9.90
C PHE A 108 -40.28 -4.96 -8.49
N LYS A 109 -39.25 -4.84 -7.66
CA LYS A 109 -39.41 -4.40 -6.30
C LYS A 109 -38.49 -3.18 -6.04
N GLY A 110 -38.35 -2.80 -4.78
CA GLY A 110 -37.39 -1.82 -4.40
C GLY A 110 -38.07 -0.54 -4.00
N GLU A 111 -37.29 0.35 -3.42
CA GLU A 111 -37.81 1.61 -2.90
C GLU A 111 -36.99 2.77 -3.45
N VAL A 112 -37.59 3.96 -3.33
CA VAL A 112 -36.84 5.22 -3.49
C VAL A 112 -35.92 5.42 -2.26
N TRP A 113 -34.62 5.61 -2.49
CA TRP A 113 -33.67 6.13 -1.54
C TRP A 113 -33.55 7.62 -1.83
N GLU A 114 -34.00 8.43 -0.87
CA GLU A 114 -33.95 9.89 -1.01
C GLU A 114 -32.51 10.39 -1.13
N TRP A 115 -32.34 11.54 -1.75
CA TRP A 115 -31.05 12.16 -1.97
C TRP A 115 -30.34 12.32 -0.63
N HIS A 116 -29.10 11.85 -0.52
CA HIS A 116 -28.36 11.96 0.78
C HIS A 116 -26.85 11.86 0.50
N GLN A 117 -26.09 12.27 1.51
CA GLN A 117 -24.62 12.11 1.54
C GLN A 117 -24.34 11.15 2.68
N ASP A 118 -23.65 10.02 2.42
CA ASP A 118 -23.32 9.11 3.50
C ASP A 118 -22.53 9.83 4.66
N TYR A 119 -21.64 10.72 4.29
CA TYR A 119 -20.74 11.34 5.29
C TYR A 119 -21.56 12.09 6.35
N THR A 120 -22.75 12.64 5.95
CA THR A 120 -23.54 13.42 6.91
C THR A 120 -23.87 12.59 8.06
N PHE A 121 -24.32 11.40 7.77
CA PHE A 121 -24.67 10.44 8.73
C PHE A 121 -23.46 9.95 9.59
N TRP A 122 -22.38 9.62 8.92
CA TRP A 122 -21.19 9.11 9.64
C TRP A 122 -20.58 10.22 10.56
N HIS A 123 -20.57 11.43 10.11
CA HIS A 123 -20.06 12.52 10.88
C HIS A 123 -20.91 12.71 12.14
N HIS A 124 -22.24 12.77 11.97
CA HIS A 124 -23.15 13.08 13.12
C HIS A 124 -23.43 11.93 13.96
N GLU A 125 -23.61 10.75 13.40
CA GLU A 125 -23.97 9.65 14.22
C GLU A 125 -22.74 8.87 14.76
N ASP A 126 -21.62 8.85 14.02
CA ASP A 126 -20.56 7.93 14.39
C ASP A 126 -19.27 8.66 14.79
N GLY A 127 -19.24 9.96 14.60
CA GLY A 127 -18.14 10.85 14.91
C GLY A 127 -16.98 10.77 13.94
N MET A 128 -17.26 10.50 12.66
CA MET A 128 -16.22 10.57 11.61
C MET A 128 -15.82 12.01 11.40
N PRO A 129 -14.53 12.33 11.61
CA PRO A 129 -14.18 13.73 11.65
C PRO A 129 -14.04 14.41 10.33
N ALA A 130 -13.72 13.74 9.22
CA ALA A 130 -13.60 14.39 7.96
C ALA A 130 -14.11 13.36 6.92
N PRO A 131 -14.47 13.82 5.72
CA PRO A 131 -14.99 12.87 4.68
C PRO A 131 -13.83 12.10 3.95
N ARG A 132 -12.83 11.58 4.70
CA ARG A 132 -11.70 10.85 4.09
C ARG A 132 -12.02 9.38 4.12
N ALA A 133 -13.04 9.11 3.31
CA ALA A 133 -13.58 7.79 3.21
C ALA A 133 -14.27 7.60 1.89
N LEU A 134 -14.59 6.34 1.55
CA LEU A 134 -15.25 6.06 0.26
C LEU A 134 -15.97 4.73 0.40
N SER A 135 -16.82 4.43 -0.58
CA SER A 135 -17.48 3.15 -0.65
C SER A 135 -17.21 2.44 -1.95
N ALA A 136 -17.07 1.10 -1.89
CA ALA A 136 -16.92 0.29 -3.06
C ALA A 136 -18.19 -0.56 -3.13
N ALA A 137 -18.91 -0.39 -4.23
CA ALA A 137 -20.12 -1.06 -4.50
C ALA A 137 -19.84 -2.12 -5.53
N ILE A 138 -19.94 -3.38 -5.12
CA ILE A 138 -19.72 -4.53 -5.99
C ILE A 138 -21.09 -4.93 -6.60
N PHE A 139 -21.11 -5.03 -7.90
CA PHE A 139 -22.33 -5.33 -8.69
C PHE A 139 -22.47 -6.82 -8.69
N LEU A 140 -23.41 -7.36 -7.92
CA LEU A 140 -23.76 -8.75 -7.96
C LEU A 140 -24.58 -9.08 -9.21
N ASP A 141 -25.10 -8.03 -9.87
CA ASP A 141 -25.89 -8.14 -11.06
C ASP A 141 -25.59 -6.94 -11.97
N GLU A 142 -25.78 -7.07 -13.27
CA GLU A 142 -25.62 -5.94 -14.16
C GLU A 142 -26.50 -4.77 -13.69
N VAL A 143 -25.93 -3.59 -13.68
CA VAL A 143 -26.65 -2.39 -13.24
C VAL A 143 -26.99 -1.65 -14.53
N THR A 144 -28.27 -1.38 -14.64
CA THR A 144 -28.83 -0.74 -15.90
C THR A 144 -29.59 0.48 -15.61
N GLU A 145 -30.19 1.09 -16.68
CA GLU A 145 -31.11 2.23 -16.45
C GLU A 145 -32.31 1.86 -15.61
N PHE A 146 -32.72 0.62 -15.62
CA PHE A 146 -34.01 0.18 -15.15
C PHE A 146 -34.13 -0.66 -13.93
N ASN A 147 -33.00 -0.92 -13.27
CA ASN A 147 -33.05 -1.70 -12.05
C ASN A 147 -32.62 -0.96 -10.81
N GLY A 148 -32.87 0.32 -10.85
CA GLY A 148 -32.67 1.19 -9.72
C GLY A 148 -31.20 1.47 -9.40
N PRO A 149 -30.44 1.89 -10.37
CA PRO A 149 -29.04 2.23 -10.16
C PRO A 149 -28.82 3.34 -9.17
N LEU A 150 -27.74 3.27 -8.41
CA LEU A 150 -27.29 4.50 -7.69
C LEU A 150 -27.08 5.63 -8.69
N THR A 151 -27.57 6.81 -8.30
CA THR A 151 -27.58 8.00 -9.13
C THR A 151 -26.95 9.12 -8.36
N PHE A 152 -26.00 9.78 -8.96
CA PHE A 152 -25.22 10.76 -8.27
C PHE A 152 -25.36 12.14 -8.93
N VAL A 153 -24.96 13.15 -8.14
CA VAL A 153 -24.55 14.46 -8.71
C VAL A 153 -23.08 14.51 -8.87
N PRO A 154 -22.58 14.39 -10.10
CA PRO A 154 -21.19 14.47 -10.30
C PRO A 154 -20.58 15.74 -9.79
N GLY A 155 -19.48 15.67 -9.04
CA GLY A 155 -18.85 16.91 -8.53
C GLY A 155 -19.53 17.41 -7.31
N GLY A 156 -20.56 16.72 -6.84
CA GLY A 156 -21.31 17.26 -5.76
C GLY A 156 -20.80 17.06 -4.37
N HIS A 157 -19.75 16.26 -4.27
CA HIS A 157 -19.04 16.04 -3.05
C HIS A 157 -18.17 17.26 -2.70
N GLY A 158 -17.93 18.08 -3.71
CA GLY A 158 -16.87 19.07 -3.72
C GLY A 158 -17.16 20.31 -2.90
N SER A 159 -18.42 20.50 -2.48
CA SER A 159 -18.78 21.64 -1.62
C SER A 159 -19.08 21.15 -0.22
N GLY A 160 -18.49 20.01 0.15
CA GLY A 160 -18.69 19.50 1.50
C GLY A 160 -20.12 19.09 1.85
N MET A 161 -20.34 18.97 3.16
CA MET A 161 -21.56 18.36 3.71
C MET A 161 -22.70 19.37 3.71
N ILE A 162 -23.77 19.05 2.97
CA ILE A 162 -24.97 19.87 2.84
C ILE A 162 -25.84 19.59 4.10
N SER A 178 -36.53 5.13 4.10
CA SER A 178 -36.61 6.44 4.77
C SER A 178 -35.40 6.70 5.71
N LEU A 179 -34.88 7.94 5.65
CA LEU A 179 -33.54 8.31 6.18
C LEU A 179 -33.62 9.50 7.12
N LYS A 180 -32.73 9.52 8.10
CA LYS A 180 -32.70 10.59 9.11
C LYS A 180 -32.24 11.94 8.57
N TYR A 181 -31.28 11.93 7.64
CA TYR A 181 -30.74 13.15 7.02
C TYR A 181 -30.98 13.06 5.54
N SER A 182 -31.79 13.96 5.00
CA SER A 182 -31.95 14.00 3.56
C SER A 182 -31.84 15.43 3.10
N LEU A 183 -31.64 15.58 1.80
CA LEU A 183 -31.39 16.88 1.24
C LEU A 183 -32.70 17.41 0.68
N ASP A 184 -33.06 18.62 1.11
CA ASP A 184 -34.30 19.31 0.70
C ASP A 184 -34.45 19.53 -0.83
N VAL A 185 -35.65 19.97 -1.23
CA VAL A 185 -35.96 20.29 -2.64
C VAL A 185 -34.98 21.30 -3.28
N GLU A 186 -34.62 22.33 -2.50
CA GLU A 186 -33.97 23.55 -3.02
C GLU A 186 -32.45 23.45 -3.08
N THR A 187 -31.87 22.91 -2.01
CA THR A 187 -30.45 22.63 -2.00
C THR A 187 -30.10 21.65 -3.16
N MET A 188 -30.92 20.62 -3.33
CA MET A 188 -30.76 19.69 -4.46
C MET A 188 -30.96 20.34 -5.79
N ARG A 189 -31.96 21.25 -5.91
CA ARG A 189 -32.19 21.85 -7.24
C ARG A 189 -30.94 22.55 -7.72
N GLY A 190 -30.37 23.37 -6.82
CA GLY A 190 -29.15 24.09 -7.13
C GLY A 190 -28.00 23.19 -7.58
N LEU A 191 -27.68 22.21 -6.75
CA LEU A 191 -26.66 21.16 -7.10
C LEU A 191 -26.86 20.62 -8.51
N ILE A 192 -28.10 20.21 -8.75
CA ILE A 192 -28.44 19.51 -10.04
C ILE A 192 -28.45 20.44 -11.19
N GLU A 193 -29.04 21.64 -10.98
CA GLU A 193 -28.88 22.66 -12.03
C GLU A 193 -27.43 22.92 -12.39
N ARG A 194 -26.55 23.02 -11.38
CA ARG A 194 -25.14 23.28 -11.69
C ARG A 194 -24.46 22.04 -12.25
N ASN A 195 -24.77 20.85 -11.70
CA ASN A 195 -23.85 19.67 -12.00
C ASN A 195 -24.48 18.50 -12.77
N GLY A 196 -25.80 18.45 -12.87
CA GLY A 196 -26.44 17.33 -13.56
C GLY A 196 -26.51 16.08 -12.62
N MET A 197 -26.97 14.98 -13.22
CA MET A 197 -27.24 13.74 -12.52
C MET A 197 -26.71 12.69 -13.43
N VAL A 198 -26.13 11.63 -12.82
CA VAL A 198 -25.57 10.50 -13.59
C VAL A 198 -25.78 9.19 -12.81
N ALA A 199 -26.25 8.13 -13.52
CA ALA A 199 -26.45 6.79 -12.95
C ALA A 199 -25.45 5.87 -13.62
N PRO A 200 -24.31 5.62 -12.97
CA PRO A 200 -23.27 4.80 -13.69
C PRO A 200 -23.74 3.39 -13.86
N LYS A 201 -23.43 2.84 -14.99
CA LYS A 201 -23.92 1.51 -15.29
C LYS A 201 -22.70 0.54 -15.36
N GLY A 202 -22.95 -0.79 -15.37
CA GLY A 202 -21.89 -1.72 -15.64
C GLY A 202 -22.34 -3.14 -15.49
N PRO A 203 -21.51 -4.03 -16.04
CA PRO A 203 -21.83 -5.42 -16.00
C PRO A 203 -21.65 -6.01 -14.56
N ARG A 204 -22.23 -7.17 -14.34
CA ARG A 204 -22.02 -8.00 -13.19
C ARG A 204 -20.49 -8.16 -12.91
N GLY A 205 -20.14 -7.92 -11.65
CA GLY A 205 -18.73 -8.03 -11.22
C GLY A 205 -17.96 -6.73 -11.28
N SER A 206 -18.61 -5.64 -11.71
CA SER A 206 -17.94 -4.41 -11.68
C SER A 206 -17.87 -3.84 -10.24
N VAL A 207 -17.02 -2.83 -10.06
CA VAL A 207 -16.94 -2.08 -8.83
C VAL A 207 -17.18 -0.63 -9.06
N LEU A 208 -18.11 -0.08 -8.32
CA LEU A 208 -18.33 1.37 -8.37
C LEU A 208 -17.73 2.01 -7.12
N TRP A 209 -16.73 2.82 -7.32
CA TRP A 209 -16.07 3.54 -6.19
C TRP A 209 -16.75 4.93 -6.04
N PHE A 210 -17.19 5.30 -4.85
CA PHE A 210 -17.73 6.64 -4.66
C PHE A 210 -17.43 7.26 -3.32
N ASP A 211 -17.20 8.57 -3.42
CA ASP A 211 -16.84 9.42 -2.32
C ASP A 211 -17.80 9.38 -1.15
N ALA A 212 -17.30 9.38 0.07
CA ALA A 212 -18.18 9.49 1.23
C ALA A 212 -19.22 10.70 1.15
N ASN A 213 -18.86 11.78 0.50
CA ASN A 213 -19.72 12.91 0.48
C ASN A 213 -20.46 13.20 -0.79
N ILE A 214 -20.54 12.22 -1.67
CA ILE A 214 -21.17 12.48 -2.99
C ILE A 214 -22.68 12.29 -2.80
N PRO A 215 -23.50 13.32 -3.18
CA PRO A 215 -24.92 13.05 -3.08
C PRO A 215 -25.36 11.91 -4.01
N HIS A 216 -26.23 11.07 -3.50
CA HIS A 216 -26.82 10.04 -4.28
C HIS A 216 -28.20 9.65 -3.82
N SER A 217 -28.86 8.94 -4.73
CA SER A 217 -30.29 8.56 -4.61
C SER A 217 -30.52 7.32 -5.55
N SER A 218 -31.62 6.61 -5.37
CA SER A 218 -31.99 5.60 -6.31
C SER A 218 -33.48 5.33 -6.27
N VAL A 219 -33.94 4.65 -7.30
CA VAL A 219 -35.37 4.40 -7.50
C VAL A 219 -35.69 2.93 -7.53
N PRO A 220 -36.99 2.57 -7.55
CA PRO A 220 -37.31 1.14 -7.68
C PRO A 220 -36.86 0.47 -8.92
N ASN A 221 -36.83 -0.89 -8.84
CA ASN A 221 -36.33 -1.70 -9.94
C ASN A 221 -37.62 -2.18 -10.68
N ILE A 222 -37.73 -1.82 -11.96
CA ILE A 222 -38.88 -2.25 -12.80
C ILE A 222 -38.45 -3.27 -13.81
N SER A 223 -37.26 -3.82 -13.60
CA SER A 223 -36.78 -4.78 -14.49
C SER A 223 -37.18 -6.13 -13.86
N PRO A 224 -37.11 -7.20 -14.67
CA PRO A 224 -37.33 -8.57 -14.21
C PRO A 224 -36.06 -9.19 -13.61
N PHE A 225 -34.99 -8.40 -13.40
CA PHE A 225 -33.74 -8.90 -12.88
C PHE A 225 -33.36 -8.16 -11.57
N ASP A 226 -32.73 -8.84 -10.62
CA ASP A 226 -32.27 -8.24 -9.37
C ASP A 226 -31.15 -7.26 -9.55
N ARG A 227 -30.99 -6.39 -8.54
CA ARG A 227 -29.87 -5.47 -8.53
C ARG A 227 -29.22 -5.62 -7.12
N GLY A 228 -28.36 -6.61 -6.91
CA GLY A 228 -27.70 -6.73 -5.55
C GLY A 228 -26.45 -5.93 -5.54
N LEU A 229 -26.20 -5.19 -4.43
CA LEU A 229 -24.93 -4.42 -4.33
C LEU A 229 -24.31 -4.81 -2.97
N VAL A 230 -23.03 -5.11 -2.98
CA VAL A 230 -22.27 -5.23 -1.73
C VAL A 230 -21.55 -3.93 -1.59
N LEU A 231 -21.80 -3.20 -0.50
CA LEU A 231 -21.27 -1.87 -0.33
C LEU A 231 -20.25 -1.89 0.85
N ILE A 232 -19.00 -1.75 0.52
CA ILE A 232 -17.93 -1.73 1.54
C ILE A 232 -17.46 -0.32 1.71
N THR A 233 -17.58 0.23 2.91
CA THR A 233 -17.09 1.58 3.18
C THR A 233 -15.73 1.54 3.88
N TYR A 234 -14.68 1.95 3.15
CA TYR A 234 -13.31 2.03 3.67
C TYR A 234 -13.12 3.45 4.23
N ASN A 235 -12.49 3.54 5.38
CA ASN A 235 -12.09 4.77 5.99
C ASN A 235 -10.61 4.79 6.23
N SER A 236 -10.01 5.95 6.12
CA SER A 236 -8.63 6.19 6.50
C SER A 236 -8.46 5.92 7.98
N VAL A 237 -7.38 5.25 8.34
CA VAL A 237 -7.03 5.00 9.71
C VAL A 237 -6.76 6.27 10.48
N GLU A 238 -6.07 7.20 9.88
CA GLU A 238 -5.94 8.54 10.52
C GLU A 238 -7.29 9.16 10.78
N ASN A 239 -8.26 8.92 9.89
CA ASN A 239 -9.59 9.45 10.01
C ASN A 239 -10.55 8.61 10.91
N LYS A 240 -10.02 7.72 11.71
CA LYS A 240 -10.81 6.90 12.55
C LYS A 240 -11.89 7.71 13.31
N THR A 241 -13.03 7.09 13.48
CA THR A 241 -14.18 7.75 14.12
C THR A 241 -13.91 7.89 15.59
N ASP A 242 -14.51 8.89 16.16
CA ASP A 242 -14.36 9.14 17.57
C ASP A 242 -15.46 8.31 18.30
N VAL A 243 -15.08 7.14 18.80
CA VAL A 243 -16.01 6.19 19.42
C VAL A 243 -16.62 6.75 20.74
N THR A 244 -16.11 7.87 21.27
CA THR A 244 -16.75 8.57 22.35
C THR A 244 -18.02 9.34 21.93
N ARG A 245 -18.12 9.81 20.69
CA ARG A 245 -19.35 10.44 20.13
C ARG A 245 -20.16 9.45 19.31
N GLY A 246 -19.80 8.18 19.39
CA GLY A 246 -20.45 7.17 18.62
C GLY A 246 -21.73 6.69 19.27
N THR A 247 -22.75 6.47 18.44
CA THR A 247 -24.05 6.01 18.86
C THR A 247 -24.18 4.46 18.62
N ARG A 248 -23.79 3.99 17.45
CA ARG A 248 -24.30 2.73 16.92
C ARG A 248 -23.53 1.49 17.27
N PRO A 249 -24.15 0.32 17.07
CA PRO A 249 -23.35 -0.83 17.39
C PRO A 249 -22.23 -1.06 16.29
N GLU A 250 -21.37 -2.01 16.57
CA GLU A 250 -20.15 -2.26 15.82
C GLU A 250 -20.43 -2.70 14.38
N TRP A 251 -21.54 -3.40 14.20
CA TRP A 251 -21.98 -3.86 12.90
C TRP A 251 -22.62 -2.81 12.07
N LEU A 252 -22.83 -1.62 12.60
CA LEU A 252 -23.11 -0.44 11.84
C LEU A 252 -21.96 0.54 11.66
N ALA A 253 -21.09 0.63 12.68
CA ALA A 253 -20.03 1.62 12.69
C ALA A 253 -18.84 1.01 13.42
N ALA A 254 -17.78 0.67 12.68
CA ALA A 254 -16.73 -0.17 13.28
C ALA A 254 -16.00 0.58 14.38
N ARG A 255 -15.37 -0.15 15.27
CA ARG A 255 -14.59 0.40 16.35
C ARG A 255 -13.18 -0.24 16.41
N ASP A 256 -12.90 -1.25 15.62
CA ASP A 256 -11.58 -1.85 15.52
C ASP A 256 -10.87 -1.24 14.27
N PHE A 257 -9.95 -0.35 14.56
CA PHE A 257 -9.25 0.46 13.55
C PHE A 257 -7.93 -0.14 13.11
N THR A 258 -7.76 -1.43 13.31
CA THR A 258 -6.58 -2.08 12.84
C THR A 258 -6.43 -1.98 11.31
N PRO A 259 -5.23 -1.57 10.81
CA PRO A 259 -5.11 -1.40 9.32
C PRO A 259 -5.24 -2.71 8.68
N LEU A 260 -6.07 -2.77 7.66
CA LEU A 260 -6.14 -3.98 6.88
C LEU A 260 -4.89 -4.30 6.03
N THR A 261 -4.60 -5.61 5.91
CA THR A 261 -3.56 -6.18 5.03
C THR A 261 -4.20 -6.97 3.95
N ALA A 262 -3.52 -7.09 2.84
CA ALA A 262 -4.01 -7.82 1.68
C ALA A 262 -4.05 -9.31 1.86
N LEU A 263 -5.02 -9.96 1.24
CA LEU A 263 -5.06 -11.43 1.25
C LEU A 263 -3.90 -11.93 0.41
N GLN A 264 -3.22 -12.98 0.83
CA GLN A 264 -2.21 -13.67 0.00
C GLN A 264 -2.77 -15.02 -0.45
N ALA A 265 -2.16 -15.63 -1.45
CA ALA A 265 -2.63 -16.92 -2.07
C ALA A 265 -2.00 -18.01 -1.25
N THR A 266 -2.80 -18.75 -0.49
CA THR A 266 -2.36 -19.87 0.31
C THR A 266 -2.99 -21.17 -0.22
N SER A 267 -2.57 -22.31 0.36
CA SER A 267 -3.01 -23.65 -0.02
C SER A 267 -4.40 -24.04 0.44
N PHE A 268 -5.00 -23.24 1.30
CA PHE A 268 -6.33 -23.35 1.73
C PHE A 268 -6.82 -21.87 2.09
N GLN B 1 -3.76 15.14 15.69
CA GLN B 1 -2.40 15.16 15.01
C GLN B 1 -2.52 14.45 13.63
N ILE B 2 -1.64 14.82 12.69
CA ILE B 2 -1.80 14.45 11.29
C ILE B 2 -0.48 14.06 10.72
N MET B 3 -0.45 12.93 9.98
CA MET B 3 0.63 12.61 9.10
C MET B 3 0.22 13.16 7.73
N GLU B 4 1.16 13.70 6.96
CA GLU B 4 0.82 14.14 5.61
C GLU B 4 0.24 12.89 4.86
N PRO B 5 -0.76 13.07 4.05
CA PRO B 5 -1.28 11.93 3.28
C PRO B 5 -0.19 11.27 2.44
N HIS B 6 -0.26 9.93 2.24
CA HIS B 6 0.81 9.19 1.73
C HIS B 6 1.07 9.70 0.30
N ASP B 7 2.34 9.87 0.00
CA ASP B 7 2.83 10.29 -1.34
C ASP B 7 3.37 9.01 -1.99
N THR B 8 3.04 8.83 -3.24
CA THR B 8 3.60 7.71 -3.96
C THR B 8 4.36 8.31 -5.16
N LEU B 9 5.03 7.45 -5.89
CA LEU B 9 5.75 7.91 -7.07
C LEU B 9 4.82 8.22 -8.24
N SER B 10 5.21 9.23 -9.04
CA SER B 10 4.45 9.50 -10.29
C SER B 10 4.68 8.35 -11.26
N PRO B 11 3.84 8.21 -12.30
CA PRO B 11 4.14 7.18 -13.29
C PRO B 11 5.49 7.37 -14.06
N ALA B 12 5.95 8.60 -14.23
CA ALA B 12 7.29 8.83 -14.82
C ALA B 12 8.42 8.34 -13.85
N GLN B 13 8.20 8.48 -12.54
CA GLN B 13 9.17 8.01 -11.58
C GLN B 13 9.22 6.55 -11.52
N VAL B 14 8.03 5.90 -11.59
CA VAL B 14 7.98 4.46 -11.61
C VAL B 14 8.67 3.92 -12.88
N ASP B 15 8.31 4.48 -14.00
CA ASP B 15 8.95 4.07 -15.28
C ASP B 15 10.48 4.24 -15.25
N GLU B 16 10.96 5.32 -14.68
CA GLU B 16 12.42 5.52 -14.57
C GLU B 16 13.02 4.47 -13.65
N TYR B 17 12.37 4.13 -12.51
CA TYR B 17 12.83 3.06 -11.64
C TYR B 17 12.88 1.74 -12.35
N ARG B 18 11.84 1.41 -13.10
CA ARG B 18 11.82 0.08 -13.71
C ARG B 18 12.86 0.02 -14.90
N LYS B 19 12.99 1.12 -15.59
CA LYS B 19 14.04 1.15 -16.71
C LYS B 19 15.47 1.09 -16.18
N ASN B 20 15.83 2.02 -15.30
CA ASN B 20 17.16 2.15 -14.74
C ASN B 20 17.46 1.24 -13.65
N GLY B 21 16.43 0.85 -12.84
CA GLY B 21 16.71 -0.03 -11.74
C GLY B 21 17.00 0.78 -10.44
N PHE B 22 16.97 2.08 -10.52
CA PHE B 22 17.23 2.93 -9.33
C PHE B 22 16.58 4.25 -9.55
N LEU B 23 16.32 4.98 -8.46
CA LEU B 23 15.74 6.30 -8.50
C LEU B 23 16.05 7.05 -7.25
N VAL B 24 16.36 8.34 -7.36
CA VAL B 24 16.61 9.21 -6.22
C VAL B 24 15.46 10.14 -5.96
N GLN B 25 15.01 10.22 -4.68
CA GLN B 25 14.13 11.31 -4.21
C GLN B 25 14.97 12.19 -3.29
N GLU B 26 15.09 13.49 -3.59
CA GLU B 26 15.84 14.38 -2.79
C GLU B 26 15.06 14.86 -1.60
N HIS B 27 15.78 15.12 -0.52
CA HIS B 27 15.17 15.86 0.57
C HIS B 27 13.89 15.20 1.12
N VAL B 28 13.93 13.89 1.26
CA VAL B 28 12.81 13.18 1.94
C VAL B 28 12.72 13.49 3.42
N PHE B 29 13.85 13.38 4.10
CA PHE B 29 13.95 13.63 5.49
C PHE B 29 14.66 14.97 5.71
N ASP B 30 14.20 15.70 6.70
CA ASP B 30 14.86 17.00 7.07
C ASP B 30 16.11 16.82 7.91
N GLU B 31 16.88 17.88 8.16
CA GLU B 31 18.05 17.79 8.92
C GLU B 31 17.93 17.24 10.30
N GLU B 32 16.88 17.69 11.02
CA GLU B 32 16.64 17.24 12.34
C GLU B 32 16.33 15.70 12.35
N GLU B 33 15.54 15.25 11.40
CA GLU B 33 15.30 13.78 11.25
C GLU B 33 16.53 13.02 11.02
N ILE B 34 17.36 13.52 10.10
CA ILE B 34 18.59 12.88 9.85
C ILE B 34 19.50 12.78 10.99
N GLU B 35 19.61 13.87 11.74
CA GLU B 35 20.38 13.82 12.96
C GLU B 35 19.92 12.80 14.01
N LEU B 36 18.60 12.64 14.19
CA LEU B 36 18.06 11.56 15.00
C LEU B 36 18.50 10.21 14.50
N LEU B 37 18.50 10.03 13.16
CA LEU B 37 18.93 8.77 12.64
C LEU B 37 20.40 8.55 12.80
N ARG B 38 21.18 9.62 12.55
N ARG B 38 21.21 9.61 12.58
CA ARG B 38 22.62 9.58 12.80
CA ARG B 38 22.65 9.50 12.84
C ARG B 38 23.00 9.19 14.26
C ARG B 38 23.00 9.14 14.30
N ALA B 39 22.35 9.81 15.26
CA ALA B 39 22.57 9.50 16.66
C ALA B 39 22.16 8.02 16.95
N GLU B 40 21.08 7.53 16.33
CA GLU B 40 20.71 6.10 16.59
C GLU B 40 21.65 5.16 15.95
N ALA B 41 22.12 5.51 14.79
CA ALA B 41 23.12 4.69 14.13
C ALA B 41 24.37 4.55 15.02
N ALA B 42 24.79 5.67 15.61
CA ALA B 42 26.00 5.67 16.46
C ALA B 42 25.74 4.76 17.68
N GLN B 43 24.52 4.78 18.18
CA GLN B 43 24.11 3.90 19.30
C GLN B 43 24.15 2.43 18.88
N GLU B 44 23.58 2.12 17.71
CA GLU B 44 23.73 0.78 17.16
C GLU B 44 25.18 0.35 16.88
N PHE B 45 26.04 1.23 16.38
CA PHE B 45 27.47 0.83 16.26
C PHE B 45 28.12 0.50 17.59
N ALA B 46 27.72 1.17 18.64
CA ALA B 46 28.30 1.00 19.96
C ALA B 46 27.75 -0.19 20.67
N SER B 47 26.51 -0.58 20.39
CA SER B 47 25.88 -1.57 21.21
C SER B 47 25.49 -2.79 20.45
N GLY B 48 25.80 -2.92 19.15
CA GLY B 48 25.27 -4.03 18.39
C GLY B 48 25.93 -5.41 18.47
N GLY B 49 27.13 -5.46 19.07
CA GLY B 49 27.80 -6.72 19.43
C GLY B 49 28.12 -7.51 18.19
N GLU B 50 27.58 -8.71 18.13
CA GLU B 50 27.82 -9.56 16.95
C GLU B 50 27.20 -9.01 15.63
N ARG B 51 26.28 -8.05 15.73
CA ARG B 51 25.62 -7.48 14.50
C ARG B 51 26.46 -6.42 13.81
N VAL B 52 27.57 -6.03 14.46
CA VAL B 52 28.50 -5.07 13.84
C VAL B 52 29.54 -5.73 13.03
N THR B 53 29.82 -5.29 11.81
CA THR B 53 31.02 -5.76 11.11
C THR B 53 32.10 -4.65 11.16
N VAL B 54 33.38 -5.07 11.00
CA VAL B 54 34.57 -4.22 11.29
C VAL B 54 35.60 -4.21 10.18
N ILE B 60 38.21 0.77 11.55
CA ILE B 60 36.89 1.35 11.33
C ILE B 60 35.78 0.26 11.47
N VAL B 61 34.68 0.72 12.01
CA VAL B 61 33.45 -0.04 12.04
C VAL B 61 32.83 0.10 10.60
N ARG B 62 32.69 -1.05 9.92
CA ARG B 62 32.17 -1.11 8.53
C ARG B 62 30.61 -1.03 8.35
N GLY B 63 29.86 -1.76 9.19
CA GLY B 63 28.40 -1.59 9.29
C GLY B 63 27.77 -2.39 10.40
N VAL B 64 26.47 -2.23 10.55
CA VAL B 64 25.72 -2.92 11.57
C VAL B 64 24.44 -3.44 10.83
N HIS B 65 23.96 -4.61 11.20
CA HIS B 65 22.80 -5.19 10.58
C HIS B 65 21.63 -5.40 11.57
N GLY B 66 20.38 -5.33 11.04
CA GLY B 66 19.23 -5.80 11.75
C GLY B 66 18.67 -4.84 12.73
N CYS B 67 19.11 -3.58 12.66
CA CYS B 67 18.75 -2.64 13.66
C CYS B 67 17.25 -2.40 13.90
N HIS B 68 16.44 -2.58 12.86
CA HIS B 68 14.97 -2.39 13.05
C HIS B 68 14.39 -3.43 14.03
N LEU B 69 15.08 -4.51 14.32
CA LEU B 69 14.56 -5.49 15.28
C LEU B 69 14.95 -5.13 16.72
N TYR B 70 15.88 -4.20 16.88
CA TYR B 70 16.48 -3.90 18.20
C TYR B 70 16.30 -2.46 18.60
N SER B 71 15.99 -1.57 17.66
CA SER B 71 15.85 -0.18 17.96
C SER B 71 14.48 0.24 17.65
N GLU B 72 13.87 0.93 18.59
CA GLU B 72 12.56 1.38 18.33
C GLU B 72 12.49 2.47 17.29
N VAL B 73 13.48 3.34 17.28
CA VAL B 73 13.58 4.39 16.28
C VAL B 73 13.61 3.73 14.84
N PHE B 74 14.46 2.74 14.69
CA PHE B 74 14.61 2.12 13.37
C PHE B 74 13.36 1.29 13.04
N GLY B 75 12.75 0.68 14.07
CA GLY B 75 11.49 -0.05 13.85
C GLY B 75 10.39 0.87 13.38
N ARG B 76 10.33 2.09 13.87
CA ARG B 76 9.41 3.09 13.31
C ARG B 76 9.79 3.56 11.93
N LEU B 77 11.07 3.79 11.73
CA LEU B 77 11.52 4.24 10.38
C LEU B 77 11.03 3.40 9.23
N VAL B 78 11.14 2.11 9.33
CA VAL B 78 10.75 1.25 8.26
C VAL B 78 9.25 1.26 7.93
N ARG B 79 8.44 1.74 8.89
CA ARG B 79 7.01 2.02 8.71
C ARG B 79 6.69 3.43 8.36
N SER B 80 7.70 4.26 8.11
CA SER B 80 7.47 5.67 7.86
C SER B 80 6.50 5.86 6.69
N PRO B 81 5.67 6.90 6.76
CA PRO B 81 4.82 7.14 5.56
C PRO B 81 5.62 7.71 4.42
N ARG B 82 6.87 8.13 4.63
CA ARG B 82 7.79 8.47 3.47
C ARG B 82 8.32 7.32 2.68
N LEU B 83 8.26 6.13 3.27
CA LEU B 83 8.84 4.96 2.68
C LEU B 83 7.90 3.84 2.34
N LEU B 84 7.10 3.45 3.31
CA LEU B 84 6.29 2.29 3.14
C LEU B 84 5.38 2.34 2.00
N PRO B 85 4.69 3.44 1.75
CA PRO B 85 3.77 3.43 0.59
C PRO B 85 4.41 3.31 -0.77
N ILE B 86 5.63 3.79 -0.88
CA ILE B 86 6.40 3.61 -2.13
C ILE B 86 6.88 2.14 -2.24
N ALA B 87 7.43 1.53 -1.15
CA ALA B 87 7.75 0.15 -1.23
C ALA B 87 6.53 -0.73 -1.71
N ARG B 88 5.37 -0.52 -1.10
CA ARG B 88 4.18 -1.23 -1.52
C ARG B 88 3.81 -0.99 -3.00
N GLN B 89 3.91 0.24 -3.41
CA GLN B 89 3.61 0.63 -4.77
C GLN B 89 4.59 -0.05 -5.78
N LEU B 90 5.87 -0.03 -5.51
CA LEU B 90 6.89 -0.60 -6.46
C LEU B 90 6.90 -2.12 -6.46
N LEU B 91 6.67 -2.73 -5.29
CA LEU B 91 6.56 -4.18 -5.23
C LEU B 91 5.16 -4.76 -5.47
N ARG B 92 4.15 -3.90 -5.59
CA ARG B 92 2.84 -4.27 -5.88
C ARG B 92 2.26 -5.30 -4.90
N ASP B 93 2.54 -5.08 -3.62
CA ASP B 93 2.21 -6.01 -2.59
C ASP B 93 2.26 -5.35 -1.25
N ASP B 94 1.74 -6.02 -0.22
CA ASP B 94 2.18 -5.74 1.11
C ASP B 94 3.70 -6.17 1.18
N VAL B 95 4.44 -5.51 2.07
CA VAL B 95 5.83 -5.68 2.22
C VAL B 95 6.26 -5.83 3.68
N TYR B 96 7.44 -6.41 3.83
CA TYR B 96 8.15 -6.49 5.08
C TYR B 96 9.66 -6.18 4.89
N VAL B 97 10.43 -6.06 5.95
CA VAL B 97 11.88 -5.83 5.82
C VAL B 97 12.63 -7.12 5.81
N HIS B 98 13.27 -7.45 4.70
CA HIS B 98 14.10 -8.59 4.59
C HIS B 98 15.44 -8.40 5.33
N GLN B 99 16.02 -7.20 5.18
CA GLN B 99 17.33 -6.87 5.77
C GLN B 99 17.41 -5.37 5.98
N PHE B 100 18.17 -4.98 6.97
CA PHE B 100 18.38 -3.59 7.39
C PHE B 100 19.89 -3.51 7.69
N LYS B 101 20.58 -2.57 7.04
CA LYS B 101 21.94 -2.29 7.43
C LYS B 101 22.29 -0.84 7.40
N ILE B 102 23.34 -0.52 8.13
CA ILE B 102 23.89 0.83 8.14
C ILE B 102 25.38 0.63 7.77
N ASN B 103 25.79 1.28 6.70
CA ASN B 103 27.18 1.21 6.16
C ASN B 103 27.75 2.58 6.27
N ALA B 104 28.73 2.62 7.17
CA ALA B 104 29.42 3.79 7.69
C ALA B 104 30.22 4.48 6.61
N LYS B 105 31.14 3.77 5.94
CA LYS B 105 32.08 4.47 4.95
C LYS B 105 32.65 5.91 5.33
N ARG B 106 33.55 5.98 6.32
CA ARG B 106 33.93 7.29 6.88
C ARG B 106 34.93 8.07 5.99
N ALA B 107 35.07 9.38 6.23
CA ALA B 107 35.97 10.32 5.47
C ALA B 107 37.40 9.83 5.30
N PHE B 108 37.95 9.98 4.10
CA PHE B 108 39.30 9.52 3.83
C PHE B 108 39.48 8.05 4.15
N LYS B 109 38.38 7.34 4.31
CA LYS B 109 38.45 5.92 4.61
C LYS B 109 37.43 5.19 3.74
N GLY B 110 36.97 4.03 4.19
CA GLY B 110 36.00 3.28 3.41
C GLY B 110 36.71 2.22 2.61
N GLU B 111 35.97 1.28 2.06
CA GLU B 111 36.63 0.21 1.31
C GLU B 111 35.87 -0.05 0.01
N VAL B 112 36.57 -0.64 -0.96
CA VAL B 112 35.95 -1.04 -2.22
C VAL B 112 34.84 -2.06 -1.91
N TRP B 113 33.70 -1.85 -2.53
CA TRP B 113 32.59 -2.80 -2.55
C TRP B 113 32.57 -3.34 -3.94
N GLU B 114 33.01 -4.59 -4.09
CA GLU B 114 33.10 -5.23 -5.40
C GLU B 114 31.72 -5.25 -6.05
N TRP B 115 31.67 -5.42 -7.36
CA TRP B 115 30.42 -5.47 -8.05
C TRP B 115 29.54 -6.65 -7.62
N HIS B 116 28.25 -6.39 -7.36
CA HIS B 116 27.34 -7.51 -7.04
C HIS B 116 25.89 -7.16 -7.24
N GLN B 117 25.08 -8.23 -7.24
CA GLN B 117 23.61 -8.14 -7.23
C GLN B 117 23.15 -8.69 -5.87
N ASP B 118 22.38 -7.87 -5.17
CA ASP B 118 21.97 -8.29 -3.85
C ASP B 118 21.14 -9.63 -3.95
N TYR B 119 20.33 -9.72 -4.95
CA TYR B 119 19.39 -10.85 -5.11
C TYR B 119 20.16 -12.16 -5.23
N THR B 120 21.34 -12.13 -5.87
CA THR B 120 22.20 -13.29 -5.84
C THR B 120 22.46 -13.80 -4.50
N PHE B 121 22.80 -12.97 -3.53
CA PHE B 121 22.96 -13.38 -2.18
C PHE B 121 21.63 -13.87 -1.59
N TRP B 122 20.57 -13.07 -1.72
CA TRP B 122 19.34 -13.42 -0.98
C TRP B 122 18.69 -14.76 -1.51
N HIS B 123 18.86 -15.01 -2.79
CA HIS B 123 18.37 -16.19 -3.43
C HIS B 123 19.13 -17.40 -2.91
N HIS B 124 20.46 -17.37 -2.94
CA HIS B 124 21.26 -18.52 -2.51
C HIS B 124 21.40 -18.65 -1.07
N GLU B 125 21.63 -17.57 -0.35
CA GLU B 125 21.81 -17.67 1.09
C GLU B 125 20.52 -17.76 1.85
N ASP B 126 19.45 -17.10 1.37
CA ASP B 126 18.21 -16.95 2.24
C ASP B 126 16.96 -17.63 1.67
N GLY B 127 17.01 -18.10 0.43
CA GLY B 127 15.90 -18.70 -0.25
C GLY B 127 14.85 -17.74 -0.70
N MET B 128 15.28 -16.54 -1.10
CA MET B 128 14.39 -15.63 -1.78
C MET B 128 14.06 -16.15 -3.14
N PRO B 129 12.79 -16.34 -3.42
CA PRO B 129 12.46 -17.01 -4.68
C PRO B 129 12.48 -16.24 -5.92
N ALA B 130 12.29 -14.93 -5.87
CA ALA B 130 12.27 -14.11 -7.02
C ALA B 130 12.82 -12.77 -6.61
N PRO B 131 13.33 -11.97 -7.56
CA PRO B 131 13.86 -10.65 -7.16
C PRO B 131 12.78 -9.55 -6.94
N ARG B 132 11.70 -9.85 -6.22
CA ARG B 132 10.60 -8.91 -6.06
C ARG B 132 10.82 -8.20 -4.74
N ALA B 133 11.94 -7.48 -4.71
CA ALA B 133 12.47 -6.83 -3.54
C ALA B 133 13.21 -5.59 -3.99
N LEU B 134 13.43 -4.70 -3.06
CA LEU B 134 14.17 -3.46 -3.34
C LEU B 134 14.86 -2.95 -2.09
N SER B 135 15.71 -1.95 -2.27
CA SER B 135 16.33 -1.36 -1.15
C SER B 135 16.11 0.13 -1.18
N ALA B 136 15.96 0.74 -0.01
CA ALA B 136 15.87 2.21 0.10
C ALA B 136 17.09 2.60 0.90
N ALA B 137 17.93 3.45 0.32
CA ALA B 137 19.15 3.90 0.96
C ALA B 137 18.97 5.36 1.35
N ILE B 138 18.88 5.63 2.66
CA ILE B 138 18.74 6.99 3.21
C ILE B 138 20.14 7.60 3.37
N PHE B 139 20.27 8.76 2.78
CA PHE B 139 21.58 9.48 2.77
C PHE B 139 21.71 10.24 4.10
N LEU B 140 22.54 9.72 4.99
CA LEU B 140 22.85 10.46 6.22
C LEU B 140 23.78 11.65 5.98
N ASP B 141 24.45 11.65 4.83
CA ASP B 141 25.40 12.70 4.43
C ASP B 141 25.17 12.98 2.97
N GLU B 142 25.44 14.18 2.50
CA GLU B 142 25.45 14.41 1.03
C GLU B 142 26.26 13.36 0.34
N VAL B 143 25.73 12.86 -0.79
CA VAL B 143 26.45 11.89 -1.60
C VAL B 143 26.99 12.69 -2.86
N THR B 144 28.30 12.61 -3.06
CA THR B 144 29.05 13.40 -4.12
C THR B 144 29.81 12.43 -4.97
N GLU B 145 30.53 13.00 -5.94
CA GLU B 145 31.42 12.17 -6.74
C GLU B 145 32.54 11.59 -5.96
N PHE B 146 32.92 12.20 -4.81
CA PHE B 146 34.17 11.91 -4.13
C PHE B 146 34.16 11.16 -2.83
N ASN B 147 32.96 10.90 -2.31
CA ASN B 147 32.87 10.13 -1.10
C ASN B 147 32.34 8.72 -1.23
N GLY B 148 32.70 8.09 -2.34
CA GLY B 148 32.43 6.68 -2.57
C GLY B 148 30.93 6.35 -2.78
N PRO B 149 30.25 7.05 -3.69
CA PRO B 149 28.82 6.78 -3.94
C PRO B 149 28.55 5.38 -4.42
N LEU B 150 27.41 4.82 -4.01
CA LEU B 150 26.92 3.65 -4.73
C LEU B 150 26.87 3.90 -6.21
N THR B 151 27.40 2.93 -6.95
CA THR B 151 27.44 3.00 -8.39
C THR B 151 26.76 1.81 -9.07
N PHE B 152 26.02 2.08 -10.12
CA PHE B 152 25.16 1.09 -10.74
C PHE B 152 25.47 0.97 -12.21
N VAL B 153 25.14 -0.19 -12.78
CA VAL B 153 24.92 -0.31 -14.22
C VAL B 153 23.43 -0.12 -14.52
N PRO B 154 23.02 1.00 -15.08
CA PRO B 154 21.66 1.19 -15.31
C PRO B 154 21.10 0.19 -16.26
N GLY B 155 19.94 -0.33 -15.94
CA GLY B 155 19.28 -1.42 -16.69
C GLY B 155 19.93 -2.74 -16.50
N GLY B 156 20.95 -2.85 -15.65
CA GLY B 156 21.62 -4.11 -15.55
C GLY B 156 20.89 -5.19 -14.80
N HIS B 157 19.68 -4.86 -14.34
CA HIS B 157 18.84 -5.77 -13.60
C HIS B 157 17.97 -6.58 -14.55
N GLY B 158 17.96 -6.18 -15.80
CA GLY B 158 17.16 -6.84 -16.81
C GLY B 158 17.55 -8.19 -17.34
N SER B 159 18.41 -8.92 -16.65
CA SER B 159 18.79 -10.24 -17.12
C SER B 159 18.94 -11.21 -15.98
N GLY B 160 18.34 -10.91 -14.84
CA GLY B 160 18.44 -11.81 -13.72
C GLY B 160 19.81 -11.94 -13.11
N MET B 161 19.99 -12.95 -12.27
CA MET B 161 21.25 -13.16 -11.60
C MET B 161 22.28 -13.42 -12.66
N ILE B 162 23.50 -12.98 -12.38
CA ILE B 162 24.63 -13.15 -13.27
C ILE B 162 25.62 -14.06 -12.48
N ASP B 163 26.19 -15.04 -13.18
CA ASP B 163 26.91 -16.11 -12.47
C ASP B 163 28.09 -15.55 -11.69
N ALA B 164 28.27 -16.09 -10.48
CA ALA B 164 29.25 -15.58 -9.53
C ALA B 164 30.06 -16.73 -8.87
N ASP B 165 31.38 -16.53 -8.78
CA ASP B 165 32.22 -17.40 -7.94
C ASP B 165 31.76 -17.24 -6.46
N VAL B 166 31.52 -18.37 -5.79
CA VAL B 166 31.02 -18.41 -4.40
C VAL B 166 32.21 -18.14 -3.44
N GLY B 168 34.12 -16.79 -0.28
CA GLY B 168 34.35 -17.38 1.03
C GLY B 168 33.46 -18.58 1.16
N GLU B 169 33.19 -18.97 2.41
CA GLU B 169 32.07 -19.87 2.82
C GLU B 169 31.94 -19.97 4.35
N TRP B 171 28.07 -17.62 6.53
CA TRP B 171 27.20 -16.46 6.34
C TRP B 171 27.82 -15.45 5.39
N ALA B 172 27.24 -15.33 4.19
CA ALA B 172 27.48 -14.15 3.35
C ALA B 172 27.19 -12.83 4.11
N ASN B 173 27.87 -11.81 3.67
CA ASN B 173 27.70 -10.54 4.30
C ASN B 173 28.14 -9.62 3.23
N THR B 174 27.23 -8.76 2.77
CA THR B 174 27.59 -7.76 1.80
C THR B 174 28.65 -6.86 2.45
N LEU B 175 28.64 -6.66 3.78
CA LEU B 175 29.69 -5.81 4.45
C LEU B 175 31.12 -6.46 4.61
N THR B 176 31.68 -7.00 3.52
CA THR B 176 33.14 -7.25 3.39
C THR B 176 33.61 -6.54 2.10
N ALA B 177 34.92 -6.25 2.03
CA ALA B 177 35.56 -5.89 0.76
C ALA B 177 35.48 -7.11 -0.17
N SER B 178 35.89 -8.28 0.37
CA SER B 178 35.76 -9.61 -0.28
C SER B 178 34.38 -10.29 -0.09
N LEU B 179 33.59 -10.24 -1.16
CA LEU B 179 32.19 -10.66 -1.18
C LEU B 179 32.08 -12.10 -1.62
N LYS B 180 31.18 -12.85 -0.98
CA LYS B 180 30.94 -14.25 -1.35
C LYS B 180 30.49 -14.42 -2.82
N TYR B 181 29.69 -13.52 -3.38
CA TYR B 181 29.20 -13.64 -4.78
C TYR B 181 29.53 -12.38 -5.61
N SER B 182 30.80 -12.18 -5.96
CA SER B 182 31.14 -11.02 -6.82
C SER B 182 30.92 -11.32 -8.29
N LEU B 183 30.81 -10.25 -9.07
CA LEU B 183 30.74 -10.32 -10.53
C LEU B 183 32.17 -10.15 -11.13
N ASP B 184 32.51 -10.99 -12.13
CA ASP B 184 33.91 -11.05 -12.72
C ASP B 184 34.24 -9.77 -13.51
N VAL B 185 35.51 -9.31 -13.47
CA VAL B 185 35.92 -8.15 -14.33
C VAL B 185 35.44 -8.30 -15.81
N GLU B 186 35.30 -9.55 -16.29
CA GLU B 186 34.83 -9.83 -17.66
C GLU B 186 33.31 -9.82 -17.85
N THR B 187 32.58 -10.37 -16.87
CA THR B 187 31.12 -10.20 -16.90
C THR B 187 30.80 -8.71 -16.84
N MET B 188 31.51 -7.99 -15.98
CA MET B 188 31.27 -6.57 -15.79
C MET B 188 31.69 -5.75 -17.00
N ARG B 189 32.85 -6.09 -17.59
CA ARG B 189 33.30 -5.30 -18.70
C ARG B 189 32.20 -5.24 -19.71
N GLY B 190 31.62 -6.41 -20.02
CA GLY B 190 30.58 -6.43 -21.05
C GLY B 190 29.38 -5.57 -20.69
N LEU B 191 28.88 -5.76 -19.45
CA LEU B 191 27.76 -4.96 -18.92
C LEU B 191 28.01 -3.46 -18.98
N ILE B 192 29.23 -3.09 -18.51
CA ILE B 192 29.60 -1.63 -18.50
C ILE B 192 29.75 -1.11 -19.88
N GLU B 193 30.39 -1.92 -20.75
CA GLU B 193 30.52 -1.47 -22.12
C GLU B 193 29.20 -1.20 -22.70
N ARG B 194 28.27 -2.14 -22.46
CA ARG B 194 26.95 -2.09 -23.09
C ARG B 194 26.06 -1.00 -22.43
N ASN B 195 25.98 -0.95 -21.08
CA ASN B 195 24.98 -0.06 -20.43
C ASN B 195 25.55 1.21 -19.75
N GLY B 196 26.84 1.23 -19.41
CA GLY B 196 27.41 2.41 -18.76
C GLY B 196 27.36 2.23 -17.24
N MET B 197 27.71 3.30 -16.54
CA MET B 197 27.88 3.35 -15.08
C MET B 197 27.33 4.64 -14.64
N VAL B 198 26.63 4.67 -13.48
CA VAL B 198 26.02 5.90 -12.94
C VAL B 198 26.14 5.84 -11.42
N ALA B 199 26.57 6.94 -10.81
CA ALA B 199 26.72 7.04 -9.38
C ALA B 199 25.78 8.16 -9.01
N PRO B 200 24.54 7.82 -8.60
CA PRO B 200 23.53 8.90 -8.30
C PRO B 200 23.96 9.71 -7.11
N LYS B 201 23.73 10.99 -7.17
CA LYS B 201 24.21 11.94 -6.15
C LYS B 201 22.94 12.47 -5.39
N GLY B 202 23.13 13.04 -4.22
CA GLY B 202 22.08 13.86 -3.68
C GLY B 202 22.38 14.35 -2.29
N PRO B 203 21.54 15.27 -1.82
CA PRO B 203 21.70 15.92 -0.57
C PRO B 203 21.37 14.98 0.61
N ARG B 204 21.90 15.31 1.78
CA ARG B 204 21.55 14.66 3.06
C ARG B 204 19.99 14.59 3.14
N GLY B 205 19.45 13.41 3.50
CA GLY B 205 18.01 13.29 3.58
C GLY B 205 17.35 12.70 2.37
N SER B 206 18.10 12.54 1.27
CA SER B 206 17.56 11.93 0.14
C SER B 206 17.38 10.39 0.38
N VAL B 207 16.56 9.81 -0.46
CA VAL B 207 16.39 8.36 -0.55
C VAL B 207 16.68 7.83 -1.96
N LEU B 208 17.58 6.87 -1.99
CA LEU B 208 17.93 6.20 -3.23
C LEU B 208 17.26 4.84 -3.20
N TRP B 209 16.33 4.67 -4.13
CA TRP B 209 15.64 3.37 -4.33
C TRP B 209 16.33 2.52 -5.36
N PHE B 210 16.62 1.24 -5.08
CA PHE B 210 17.27 0.41 -6.12
C PHE B 210 16.83 -1.04 -6.04
N ASP B 211 16.74 -1.61 -7.21
CA ASP B 211 16.25 -2.99 -7.45
C ASP B 211 17.14 -4.04 -6.86
N ALA B 212 16.49 -5.09 -6.34
CA ALA B 212 17.18 -6.21 -5.74
C ALA B 212 18.25 -6.75 -6.78
N ASN B 213 17.98 -6.68 -8.03
CA ASN B 213 18.90 -7.31 -9.04
C ASN B 213 19.80 -6.37 -9.81
N ILE B 214 19.86 -5.11 -9.40
CA ILE B 214 20.72 -4.18 -10.11
C ILE B 214 22.19 -4.37 -9.66
N PRO B 215 23.13 -4.52 -10.64
CA PRO B 215 24.53 -4.65 -10.19
C PRO B 215 25.06 -3.31 -9.62
N HIS B 216 25.74 -3.36 -8.53
CA HIS B 216 26.32 -2.16 -8.00
C HIS B 216 27.56 -2.38 -7.28
N SER B 217 28.29 -1.27 -7.04
CA SER B 217 29.54 -1.33 -6.28
C SER B 217 29.78 0.07 -5.65
N SER B 218 30.89 0.23 -4.96
CA SER B 218 31.40 1.55 -4.63
C SER B 218 32.90 1.45 -4.33
N VAL B 219 33.56 2.60 -4.32
CA VAL B 219 35.02 2.71 -4.06
C VAL B 219 35.31 3.43 -2.73
N PRO B 220 36.63 3.61 -2.40
CA PRO B 220 36.91 4.46 -1.24
C PRO B 220 36.43 5.93 -1.26
N ASN B 221 36.12 6.37 -0.04
CA ASN B 221 35.88 7.75 0.22
C ASN B 221 37.27 8.45 0.23
N ILE B 222 37.41 9.42 -0.67
CA ILE B 222 38.65 10.22 -0.83
C ILE B 222 38.38 11.69 -0.49
N SER B 223 37.41 11.89 0.37
CA SER B 223 36.99 13.21 0.61
C SER B 223 37.26 13.32 2.09
N PRO B 224 37.12 14.55 2.60
CA PRO B 224 37.07 14.70 4.07
C PRO B 224 35.63 14.51 4.62
N PHE B 225 34.81 13.74 3.92
CA PHE B 225 33.40 13.75 4.21
C PHE B 225 32.96 12.31 4.33
N ASP B 226 32.20 12.00 5.36
CA ASP B 226 31.68 10.63 5.59
C ASP B 226 30.54 10.44 4.60
N ARG B 227 30.19 9.20 4.35
CA ARG B 227 29.08 8.87 3.48
C ARG B 227 28.28 7.76 4.25
N GLY B 228 27.52 8.19 5.23
CA GLY B 228 26.63 7.24 5.99
C GLY B 228 25.39 6.91 5.16
N LEU B 229 25.03 5.62 5.05
CA LEU B 229 23.80 5.18 4.41
C LEU B 229 23.00 4.22 5.32
N VAL B 230 21.72 4.47 5.47
CA VAL B 230 20.83 3.49 6.11
C VAL B 230 20.13 2.77 5.01
N LEU B 231 20.35 1.47 4.89
CA LEU B 231 19.78 0.71 3.76
C LEU B 231 18.71 -0.28 4.27
N ILE B 232 17.49 -0.05 3.86
CA ILE B 232 16.35 -0.85 4.22
C ILE B 232 15.92 -1.64 3.01
N THR B 233 15.94 -2.95 3.13
CA THR B 233 15.51 -3.82 2.09
C THR B 233 14.08 -4.32 2.36
N TYR B 234 13.15 -3.91 1.45
CA TYR B 234 11.76 -4.28 1.56
C TYR B 234 11.56 -5.44 0.60
N ASN B 235 10.86 -6.41 1.11
CA ASN B 235 10.47 -7.57 0.26
C ASN B 235 8.95 -7.70 0.20
N SER B 236 8.46 -8.18 -0.94
CA SER B 236 7.05 -8.54 -1.15
C SER B 236 6.71 -9.68 -0.19
N VAL B 237 5.54 -9.59 0.47
CA VAL B 237 5.04 -10.61 1.39
C VAL B 237 4.81 -11.93 0.61
N GLU B 238 4.30 -11.80 -0.58
CA GLU B 238 4.13 -13.02 -1.43
C GLU B 238 5.48 -13.67 -1.68
N ASN B 239 6.54 -12.85 -1.83
CA ASN B 239 7.88 -13.32 -2.12
C ASN B 239 8.67 -13.70 -0.89
N LYS B 240 8.02 -13.97 0.24
CA LYS B 240 8.71 -14.28 1.45
C LYS B 240 9.74 -15.41 1.18
N THR B 241 10.85 -15.32 1.89
CA THR B 241 11.98 -16.23 1.76
C THR B 241 11.60 -17.62 2.25
N ASP B 242 12.19 -18.62 1.65
CA ASP B 242 11.99 -19.94 2.14
C ASP B 242 12.92 -20.21 3.34
N VAL B 243 12.33 -20.19 4.52
CA VAL B 243 13.07 -20.34 5.77
C VAL B 243 13.69 -21.75 5.98
N THR B 244 13.18 -22.71 5.24
CA THR B 244 13.71 -24.01 5.03
C THR B 244 15.07 -24.03 4.34
N ARG B 245 15.28 -23.20 3.33
CA ARG B 245 16.63 -23.10 2.74
C ARG B 245 17.49 -21.89 3.21
N GLY B 246 17.07 -21.26 4.29
CA GLY B 246 17.78 -20.18 4.87
C GLY B 246 18.96 -20.64 5.69
N THR B 247 20.04 -19.86 5.63
CA THR B 247 21.29 -20.12 6.35
C THR B 247 21.75 -19.02 7.35
N ARG B 248 21.00 -17.91 7.50
CA ARG B 248 21.48 -16.76 8.30
C ARG B 248 20.61 -16.44 9.47
N PRO B 249 21.17 -15.74 10.47
CA PRO B 249 20.36 -15.38 11.58
C PRO B 249 19.32 -14.28 11.10
N GLU B 250 18.39 -14.02 11.98
CA GLU B 250 17.24 -13.18 11.69
C GLU B 250 17.65 -11.71 11.41
N TRP B 251 18.73 -11.28 12.04
CA TRP B 251 19.31 -9.94 11.89
C TRP B 251 20.05 -9.76 10.62
N LEU B 252 20.27 -10.84 9.84
CA LEU B 252 20.64 -10.73 8.46
C LEU B 252 19.51 -10.99 7.46
N ALA B 253 18.58 -11.87 7.82
CA ALA B 253 17.51 -12.26 6.90
C ALA B 253 16.26 -12.57 7.68
N ALA B 254 15.24 -11.73 7.53
CA ALA B 254 14.09 -11.72 8.42
C ALA B 254 13.31 -13.00 8.22
N ARG B 255 12.67 -13.42 9.27
CA ARG B 255 11.74 -14.54 9.19
C ARG B 255 10.30 -14.22 9.60
N ASP B 256 10.03 -13.06 10.10
CA ASP B 256 8.71 -12.64 10.46
C ASP B 256 8.16 -11.82 9.28
N PHE B 257 7.25 -12.45 8.58
CA PHE B 257 6.69 -11.90 7.38
C PHE B 257 5.44 -11.13 7.55
N THR B 258 5.15 -10.67 8.75
CA THR B 258 3.99 -9.87 8.98
C THR B 258 4.00 -8.60 8.07
N PRO B 259 2.89 -8.31 7.39
CA PRO B 259 2.85 -7.09 6.57
C PRO B 259 3.00 -5.89 7.36
N LEU B 260 3.87 -4.99 6.94
CA LEU B 260 4.00 -3.72 7.62
C LEU B 260 2.83 -2.77 7.40
N THR B 261 2.49 -1.97 8.44
CA THR B 261 1.50 -0.90 8.42
C THR B 261 2.22 0.43 8.67
N ALA B 262 1.68 1.53 8.17
CA ALA B 262 2.24 2.82 8.27
C ALA B 262 2.12 3.39 9.65
N LEU B 263 3.15 4.12 10.05
CA LEU B 263 3.04 4.82 11.32
C LEU B 263 1.96 5.91 11.25
N GLN B 264 1.14 6.06 12.29
CA GLN B 264 0.16 7.16 12.35
C GLN B 264 0.70 8.23 13.36
N ALA B 265 0.16 9.43 13.30
CA ALA B 265 0.63 10.53 14.18
C ALA B 265 -0.14 10.37 15.52
N THR B 266 0.56 10.07 16.62
CA THR B 266 -0.05 9.93 17.98
C THR B 266 0.52 11.05 18.88
N SER B 267 -0.10 11.21 20.03
CA SER B 267 0.39 12.18 21.07
C SER B 267 1.74 11.85 21.75
N PHE B 268 2.28 10.68 21.46
CA PHE B 268 3.56 10.28 21.93
C PHE B 268 4.18 9.30 20.86
C1 AKG C . -26.93 3.78 1.25
O1 AKG C . -26.37 4.86 1.76
O2 AKG C . -27.11 2.68 1.81
C2 AKG C . -27.36 3.83 -0.15
O5 AKG C . -27.01 4.86 -0.67
C3 AKG C . -28.03 2.65 -0.84
C4 AKG C . -28.93 2.94 -2.03
C5 AKG C . -29.23 1.75 -2.89
O3 AKG C . -28.87 0.58 -2.58
O4 AKG C . -29.83 1.97 -3.98
FE FE D . -25.80 6.09 0.51
C1 AKG E . 25.23 -3.88 0.03
O1 AKG E . 25.45 -3.83 1.25
O2 AKG E . 24.60 -4.85 -0.54
C2 AKG E . 25.79 -2.73 -0.68
O5 AKG E . 25.60 -2.66 -1.87
C3 AKG E . 26.57 -1.66 0.09
C4 AKG E . 27.40 -0.69 -0.74
C5 AKG E . 27.95 0.51 0.05
O3 AKG E . 28.83 1.22 -0.45
O4 AKG E . 27.50 0.81 1.19
FE FE F . 24.38 -4.44 -2.38
#